data_2P4I
#
_entry.id   2P4I
#
_cell.length_a   64.262
_cell.length_b   63.189
_cell.length_c   175.571
_cell.angle_alpha   90.00
_cell.angle_beta   90.00
_cell.angle_gamma   90.00
#
_symmetry.space_group_name_H-M   'P 21 21 21'
#
loop_
_entity.id
_entity.type
_entity.pdbx_description
1 polymer 'Angiopoietin-1 receptor'
2 non-polymer 4-METHYL-3-({3-[2-(METHYLAMINO)PYRIMIDIN-4-YL]PYRIDIN-2-YL}OXY)-N-[2-MORPHOLIN-4-YL-5-(TRIFLUOROMETHYL)PHENYL]BENZAMIDE
3 water water
#
_entity_poly.entity_id   1
_entity_poly.type   'polypeptide(L)'
_entity_poly.pdbx_seq_one_letter_code
;KNNPDPTIYPVLDWNDIKFQDVIGEGNFGQVLKARIKKDGLRMDAAIKRMKEYASKDDHRDFAGELEVLCKLGHHPNIIN
LLGACEHRGYLYLAIEYAPHGNLLDFLRKSRVLETDPAFAIANSTASTLSSQQLLHFAADVARGMDYLSQKQFIHRDLAA
RNILVGENYVAKIADFGLSRGQEVYVKKTMGRLPVRWMAIESLNYSVYTTNSDVWSYGVLLWEIVSLGGTPYCGMTCAEL
YEKLPQGYRLEKPLNCDDEVYDLMRQCWREKPYERPSFAQILVSLNRMLEERKTYVNTTLYEKFTYAGIDCSAEEAA
;
_entity_poly.pdbx_strand_id   A,B
#
# COMPACT_ATOMS: atom_id res chain seq x y z
N VAL A 31 -37.48 6.10 -2.35
CA VAL A 31 -37.85 5.10 -3.41
C VAL A 31 -38.14 3.73 -2.81
N LEU A 32 -39.33 3.20 -3.12
CA LEU A 32 -39.79 1.95 -2.54
C LEU A 32 -40.25 0.92 -3.56
N LYS A 33 -39.93 -0.35 -3.30
CA LYS A 33 -40.46 -1.48 -4.04
C LYS A 33 -41.96 -1.61 -3.76
N ALA A 34 -42.71 -2.08 -4.76
CA ALA A 34 -44.15 -2.27 -4.62
C ALA A 34 -44.73 -3.14 -5.73
N ARG A 35 -45.88 -3.75 -5.43
CA ARG A 35 -46.71 -4.36 -6.46
C ARG A 35 -47.76 -3.34 -6.91
N ILE A 36 -47.94 -3.21 -8.22
CA ILE A 36 -48.85 -2.26 -8.86
C ILE A 36 -48.96 -0.90 -8.15
N ARG A 42 -48.57 -3.15 -14.72
CA ARG A 42 -47.51 -4.08 -14.41
C ARG A 42 -47.30 -4.20 -12.90
N MET A 43 -47.02 -5.42 -12.45
CA MET A 43 -46.90 -5.75 -11.03
C MET A 43 -45.78 -4.96 -10.34
N ASP A 44 -44.55 -5.37 -10.58
CA ASP A 44 -43.39 -4.80 -9.90
C ASP A 44 -43.14 -3.37 -10.33
N ALA A 45 -43.09 -2.48 -9.34
CA ALA A 45 -42.87 -1.08 -9.57
C ALA A 45 -41.91 -0.50 -8.55
N ALA A 46 -41.17 0.53 -8.96
CA ALA A 46 -40.34 1.32 -8.06
C ALA A 46 -41.01 2.67 -7.90
N ILE A 47 -41.52 2.95 -6.69
CA ILE A 47 -42.33 4.14 -6.45
C ILE A 47 -41.56 5.23 -5.71
N LYS A 48 -41.63 6.44 -6.26
CA LYS A 48 -41.05 7.63 -5.65
C LYS A 48 -42.16 8.50 -5.10
N ARG A 49 -41.96 9.08 -3.92
CA ARG A 49 -42.94 9.97 -3.31
C ARG A 49 -42.26 11.22 -2.77
N GLY A 64 -44.41 18.09 -10.08
CA GLY A 64 -43.63 18.81 -11.10
C GLY A 64 -42.87 17.91 -12.06
N GLU A 65 -42.65 16.66 -11.66
CA GLU A 65 -41.89 15.70 -12.44
C GLU A 65 -42.75 14.94 -13.47
N LEU A 66 -44.06 14.95 -13.26
CA LEU A 66 -44.99 14.22 -14.12
C LEU A 66 -45.04 14.76 -15.56
N GLU A 67 -44.75 16.05 -15.73
CA GLU A 67 -44.70 16.64 -17.08
C GLU A 67 -43.55 16.08 -17.92
N VAL A 68 -42.40 15.90 -17.28
CA VAL A 68 -41.18 15.43 -17.95
C VAL A 68 -41.28 13.95 -18.32
N LEU A 69 -41.79 13.14 -17.40
CA LEU A 69 -41.91 11.71 -17.63
C LEU A 69 -42.91 11.40 -18.76
N CYS A 70 -44.04 12.11 -18.74
CA CYS A 70 -45.09 11.93 -19.75
C CYS A 70 -44.62 12.25 -21.15
N LYS A 71 -43.77 13.28 -21.25
CA LYS A 71 -43.31 13.82 -22.51
C LYS A 71 -42.20 12.97 -23.13
N LEU A 72 -41.63 12.06 -22.34
CA LEU A 72 -40.64 11.11 -22.85
C LEU A 72 -41.29 10.02 -23.70
N GLY A 73 -42.59 9.81 -23.49
CA GLY A 73 -43.33 8.78 -24.19
C GLY A 73 -42.84 7.41 -23.76
N HIS A 74 -42.82 6.48 -24.69
CA HIS A 74 -42.41 5.13 -24.37
C HIS A 74 -41.40 4.56 -25.36
N HIS A 75 -40.52 3.73 -24.83
CA HIS A 75 -39.47 3.07 -25.61
C HIS A 75 -38.89 1.93 -24.78
N PRO A 76 -38.68 0.76 -25.42
CA PRO A 76 -38.13 -0.38 -24.72
C PRO A 76 -36.78 -0.15 -24.09
N ASN A 77 -36.09 0.92 -24.48
CA ASN A 77 -34.75 1.20 -23.96
C ASN A 77 -34.69 2.43 -23.04
N ILE A 78 -35.85 2.88 -22.60
CA ILE A 78 -35.92 3.85 -21.50
C ILE A 78 -36.76 3.28 -20.36
N ILE A 79 -36.73 3.93 -19.21
CA ILE A 79 -37.63 3.59 -18.11
C ILE A 79 -39.11 3.81 -18.51
N ASN A 80 -40.00 3.05 -17.89
CA ASN A 80 -41.41 3.05 -18.24
C ASN A 80 -42.30 3.67 -17.15
N LEU A 81 -42.86 4.84 -17.44
CA LEU A 81 -43.76 5.55 -16.50
C LEU A 81 -45.14 4.90 -16.47
N LEU A 82 -45.42 4.20 -15.37
CA LEU A 82 -46.64 3.40 -15.27
C LEU A 82 -47.88 4.22 -14.91
N GLY A 83 -47.75 5.08 -13.90
CA GLY A 83 -48.85 5.91 -13.42
C GLY A 83 -48.49 6.71 -12.18
N ALA A 84 -49.40 7.58 -11.74
CA ALA A 84 -49.16 8.42 -10.57
C ALA A 84 -50.43 8.75 -9.77
N CYS A 85 -50.25 9.45 -8.65
CA CYS A 85 -51.30 10.05 -7.77
C CYS A 85 -50.70 10.40 -6.40
N GLU A 86 -51.52 10.89 -5.46
CA GLU A 86 -51.08 11.03 -4.04
C GLU A 86 -52.18 10.97 -2.97
N HIS A 87 -51.85 11.48 -1.77
CA HIS A 87 -52.74 11.49 -0.60
C HIS A 87 -52.46 12.74 0.26
N TYR A 92 -46.34 10.54 -5.63
CA TYR A 92 -46.14 9.11 -5.86
C TYR A 92 -46.05 8.76 -7.35
N LEU A 93 -44.83 8.69 -7.87
CA LEU A 93 -44.59 8.28 -9.27
C LEU A 93 -44.20 6.81 -9.39
N ALA A 94 -44.96 6.09 -10.21
CA ALA A 94 -44.76 4.67 -10.40
C ALA A 94 -43.98 4.34 -11.69
N ILE A 95 -42.80 3.73 -11.54
CA ILE A 95 -42.06 3.23 -12.70
C ILE A 95 -41.77 1.71 -12.68
N GLU A 96 -41.86 1.07 -13.85
CA GLU A 96 -41.69 -0.39 -13.97
C GLU A 96 -40.36 -0.83 -13.38
N TYR A 97 -40.43 -1.76 -12.44
CA TYR A 97 -39.25 -2.24 -11.72
C TYR A 97 -38.34 -3.07 -12.61
N ALA A 98 -37.04 -2.85 -12.46
CA ALA A 98 -36.01 -3.58 -13.21
C ALA A 98 -35.38 -4.63 -12.30
N PRO A 99 -35.68 -5.93 -12.54
CA PRO A 99 -35.30 -6.97 -11.56
C PRO A 99 -33.80 -7.12 -11.40
N HIS A 100 -33.03 -6.75 -12.42
CA HIS A 100 -31.57 -6.89 -12.37
C HIS A 100 -30.82 -5.64 -11.88
N GLY A 101 -31.54 -4.61 -11.49
CA GLY A 101 -30.93 -3.38 -10.98
C GLY A 101 -30.02 -2.68 -11.97
N ASN A 102 -29.16 -1.79 -11.45
CA ASN A 102 -28.28 -0.99 -12.31
C ASN A 102 -27.16 -1.76 -12.98
N LEU A 103 -26.82 -1.35 -14.20
CA LEU A 103 -25.86 -2.03 -15.05
C LEU A 103 -24.47 -2.14 -14.43
N LEU A 104 -23.99 -1.06 -13.80
CA LEU A 104 -22.67 -1.09 -13.15
C LEU A 104 -22.52 -2.29 -12.22
N ASP A 105 -23.34 -2.31 -11.17
CA ASP A 105 -23.36 -3.39 -10.18
C ASP A 105 -23.53 -4.77 -10.83
N PHE A 106 -24.36 -4.83 -11.87
CA PHE A 106 -24.60 -6.07 -12.60
C PHE A 106 -23.38 -6.49 -13.41
N LEU A 107 -22.64 -5.51 -13.96
CA LEU A 107 -21.43 -5.83 -14.71
C LEU A 107 -20.35 -6.33 -13.77
N ARG A 108 -20.32 -5.75 -12.56
CA ARG A 108 -19.35 -6.13 -11.54
C ARG A 108 -19.63 -7.48 -10.87
N LYS A 109 -20.91 -7.79 -10.66
CA LYS A 109 -21.34 -9.08 -10.11
C LYS A 109 -21.08 -10.24 -11.06
N SER A 110 -20.75 -9.94 -12.31
CA SER A 110 -20.45 -10.99 -13.29
C SER A 110 -18.99 -11.39 -13.26
N ARG A 111 -18.19 -10.63 -12.50
CA ARG A 111 -16.76 -10.92 -12.35
C ARG A 111 -16.65 -12.18 -11.51
N VAL A 112 -16.72 -13.31 -12.19
CA VAL A 112 -16.97 -14.58 -11.53
C VAL A 112 -15.71 -15.10 -10.88
N LEU A 113 -14.57 -14.69 -11.42
CA LEU A 113 -13.28 -15.05 -10.84
C LEU A 113 -13.20 -14.54 -9.39
N GLU A 114 -13.75 -13.34 -9.17
CA GLU A 114 -13.72 -12.74 -7.84
C GLU A 114 -14.80 -13.29 -6.92
N THR A 115 -15.97 -13.56 -7.47
CA THR A 115 -17.09 -14.06 -6.67
C THR A 115 -16.99 -15.57 -6.43
N ASP A 116 -16.64 -16.32 -7.49
CA ASP A 116 -16.69 -17.78 -7.48
C ASP A 116 -15.52 -18.40 -8.23
N PRO A 117 -14.29 -18.26 -7.67
CA PRO A 117 -13.03 -18.54 -8.37
C PRO A 117 -12.93 -19.99 -8.81
N ALA A 118 -13.42 -20.89 -7.96
CA ALA A 118 -13.46 -22.30 -8.26
C ALA A 118 -14.30 -22.57 -9.51
N PHE A 119 -15.50 -22.01 -9.55
CA PHE A 119 -16.36 -22.09 -10.74
C PHE A 119 -15.71 -21.49 -11.99
N ALA A 120 -15.04 -20.35 -11.80
CA ALA A 120 -14.41 -19.60 -12.89
C ALA A 120 -13.24 -20.33 -13.51
N ILE A 121 -12.29 -20.75 -12.66
CA ILE A 121 -11.11 -21.48 -13.13
C ILE A 121 -11.57 -22.70 -13.92
N ALA A 122 -12.44 -23.48 -13.30
CA ALA A 122 -12.96 -24.69 -13.92
C ALA A 122 -13.61 -24.47 -15.30
N ASN A 123 -14.20 -23.30 -15.52
CA ASN A 123 -14.85 -23.02 -16.80
C ASN A 123 -14.03 -22.15 -17.75
N SER A 124 -12.85 -21.73 -17.29
CA SER A 124 -12.00 -20.80 -18.02
C SER A 124 -12.74 -19.53 -18.42
N THR A 125 -13.59 -19.06 -17.51
CA THR A 125 -14.40 -17.86 -17.74
C THR A 125 -14.10 -16.73 -16.76
N ALA A 126 -14.09 -15.52 -17.29
CA ALA A 126 -13.86 -14.30 -16.51
C ALA A 126 -15.16 -13.62 -16.20
N SER A 127 -16.18 -13.88 -17.01
CA SER A 127 -17.49 -13.26 -16.85
C SER A 127 -18.66 -14.22 -17.11
N THR A 128 -19.72 -14.09 -16.32
CA THR A 128 -20.98 -14.80 -16.59
C THR A 128 -21.72 -14.18 -17.79
N LEU A 129 -21.31 -12.99 -18.23
CA LEU A 129 -21.86 -12.40 -19.44
C LEU A 129 -20.98 -12.76 -20.63
N SER A 130 -21.60 -12.86 -21.80
CA SER A 130 -20.91 -13.14 -23.04
C SER A 130 -20.65 -11.83 -23.79
N SER A 131 -19.88 -11.89 -24.87
CA SER A 131 -19.65 -10.72 -25.74
C SER A 131 -20.92 -10.25 -26.43
N GLN A 132 -21.80 -11.21 -26.73
CA GLN A 132 -23.14 -10.96 -27.27
C GLN A 132 -23.99 -10.14 -26.30
N GLN A 133 -24.08 -10.60 -25.05
CA GLN A 133 -24.80 -9.87 -24.00
C GLN A 133 -24.23 -8.47 -23.76
N LEU A 134 -22.91 -8.38 -23.63
CA LEU A 134 -22.22 -7.09 -23.43
C LEU A 134 -22.55 -6.07 -24.54
N LEU A 135 -22.40 -6.49 -25.79
CA LEU A 135 -22.67 -5.62 -26.94
C LEU A 135 -24.17 -5.29 -27.10
N HIS A 136 -25.03 -6.24 -26.76
CA HIS A 136 -26.46 -5.97 -26.68
C HIS A 136 -26.83 -4.92 -25.61
N PHE A 137 -26.14 -4.89 -24.47
CA PHE A 137 -26.30 -3.78 -23.53
C PHE A 137 -25.92 -2.46 -24.22
N ALA A 138 -24.82 -2.48 -24.98
CA ALA A 138 -24.34 -1.28 -25.64
C ALA A 138 -25.32 -0.76 -26.68
N ALA A 139 -25.88 -1.69 -27.48
CA ALA A 139 -26.87 -1.37 -28.52
C ALA A 139 -28.20 -0.93 -27.92
N ASP A 140 -28.55 -1.52 -26.77
CA ASP A 140 -29.70 -1.09 -26.01
C ASP A 140 -29.59 0.39 -25.59
N VAL A 141 -28.45 0.78 -25.01
CA VAL A 141 -28.27 2.20 -24.58
C VAL A 141 -28.30 3.17 -25.76
N ALA A 142 -27.61 2.81 -26.84
CA ALA A 142 -27.58 3.63 -28.07
C ALA A 142 -28.95 3.83 -28.67
N ARG A 143 -29.72 2.74 -28.76
CA ARG A 143 -31.09 2.81 -29.29
C ARG A 143 -31.94 3.75 -28.44
N GLY A 144 -31.85 3.64 -27.11
CA GLY A 144 -32.55 4.57 -26.21
C GLY A 144 -32.05 6.00 -26.29
N MET A 145 -30.73 6.18 -26.36
CA MET A 145 -30.18 7.52 -26.56
C MET A 145 -30.53 8.14 -27.92
N ASP A 146 -30.65 7.32 -28.96
CA ASP A 146 -31.12 7.85 -30.25
C ASP A 146 -32.55 8.34 -30.13
N TYR A 147 -33.39 7.52 -29.52
CA TYR A 147 -34.78 7.90 -29.28
C TYR A 147 -34.83 9.19 -28.46
N LEU A 148 -34.08 9.21 -27.37
CA LEU A 148 -34.06 10.37 -26.48
C LEU A 148 -33.46 11.66 -27.08
N SER A 149 -32.48 11.51 -27.97
CA SER A 149 -31.87 12.69 -28.59
C SER A 149 -32.68 13.33 -29.76
N GLN A 150 -33.56 12.57 -30.40
CA GLN A 150 -34.41 13.10 -31.49
C GLN A 150 -35.53 13.96 -30.91
N LYS A 151 -35.78 13.76 -29.62
CA LYS A 151 -36.70 14.60 -28.85
C LYS A 151 -35.95 15.76 -28.18
N GLN A 152 -34.71 15.97 -28.60
CA GLN A 152 -33.79 16.94 -28.00
C GLN A 152 -33.77 16.92 -26.47
N PHE A 153 -33.64 15.71 -25.92
CA PHE A 153 -33.37 15.49 -24.53
C PHE A 153 -31.87 15.29 -24.35
N ILE A 154 -31.33 16.00 -23.37
CA ILE A 154 -29.92 15.96 -23.08
C ILE A 154 -29.76 15.38 -21.67
N HIS A 155 -29.11 14.22 -21.60
CA HIS A 155 -29.01 13.49 -20.36
C HIS A 155 -28.03 14.15 -19.41
N ARG A 156 -26.80 14.33 -19.87
CA ARG A 156 -25.70 14.93 -19.09
C ARG A 156 -25.12 14.04 -17.97
N ASP A 157 -25.59 12.81 -17.86
CA ASP A 157 -25.05 11.86 -16.87
C ASP A 157 -25.11 10.40 -17.32
N LEU A 158 -24.76 10.17 -18.58
CA LEU A 158 -24.60 8.83 -19.10
C LEU A 158 -23.42 8.11 -18.46
N ALA A 159 -23.74 7.02 -17.76
CA ALA A 159 -22.76 6.13 -17.16
C ALA A 159 -23.53 4.87 -16.79
N ALA A 160 -22.79 3.77 -16.56
CA ALA A 160 -23.38 2.46 -16.29
C ALA A 160 -24.34 2.53 -15.12
N ARG A 161 -23.96 3.36 -14.12
CA ARG A 161 -24.72 3.51 -12.87
C ARG A 161 -26.13 4.00 -13.10
N ASN A 162 -26.34 4.73 -14.20
CA ASN A 162 -27.66 5.28 -14.57
C ASN A 162 -28.45 4.43 -15.61
N ILE A 163 -27.96 3.23 -15.92
CA ILE A 163 -28.68 2.36 -16.84
C ILE A 163 -29.25 1.18 -16.07
N LEU A 164 -30.51 0.86 -16.32
CA LEU A 164 -31.17 -0.26 -15.66
C LEU A 164 -31.18 -1.51 -16.54
N VAL A 165 -31.15 -2.67 -15.89
CA VAL A 165 -31.20 -3.95 -16.60
C VAL A 165 -32.57 -4.57 -16.35
N GLY A 166 -33.47 -4.46 -17.31
CA GLY A 166 -34.84 -4.93 -17.13
C GLY A 166 -35.10 -6.39 -17.50
N GLU A 167 -36.38 -6.71 -17.69
CA GLU A 167 -36.82 -8.01 -18.21
C GLU A 167 -36.12 -8.32 -19.53
N ASN A 168 -35.65 -9.56 -19.65
CA ASN A 168 -34.93 -10.05 -20.82
C ASN A 168 -33.55 -9.37 -20.97
N TYR A 169 -33.02 -8.87 -19.85
CA TYR A 169 -31.72 -8.18 -19.78
C TYR A 169 -31.62 -7.00 -20.75
N VAL A 170 -32.78 -6.39 -20.99
CA VAL A 170 -32.92 -5.23 -21.87
C VAL A 170 -32.57 -3.97 -21.08
N ALA A 171 -31.49 -3.31 -21.50
CA ALA A 171 -30.97 -2.15 -20.82
C ALA A 171 -31.86 -0.94 -21.04
N LYS A 172 -32.02 -0.14 -19.99
CA LYS A 172 -32.91 1.00 -20.03
C LYS A 172 -32.24 2.25 -19.44
N ILE A 173 -32.30 3.36 -20.17
CA ILE A 173 -31.79 4.62 -19.66
C ILE A 173 -32.62 5.06 -18.47
N ALA A 174 -31.94 5.50 -17.42
CA ALA A 174 -32.60 6.11 -16.30
C ALA A 174 -31.79 7.34 -15.89
N ASP A 175 -32.36 8.09 -14.94
CA ASP A 175 -31.73 9.24 -14.36
C ASP A 175 -32.16 9.26 -12.91
N PHE A 176 -31.19 9.06 -12.03
CA PHE A 176 -31.44 8.95 -10.61
C PHE A 176 -31.06 10.25 -9.89
N GLY A 177 -30.94 11.33 -10.66
CA GLY A 177 -30.93 12.69 -10.11
C GLY A 177 -32.35 12.96 -9.68
N LEU A 178 -32.65 14.13 -9.12
CA LEU A 178 -33.98 14.27 -8.51
C LEU A 178 -34.89 15.45 -8.93
N SER A 179 -34.62 16.03 -10.10
CA SER A 179 -35.56 16.97 -10.71
C SER A 179 -35.20 17.28 -12.16
N ARG A 180 -36.23 17.40 -13.00
CA ARG A 180 -36.13 17.93 -14.35
C ARG A 180 -37.45 18.63 -14.68
N VAL A 186 -29.11 28.02 -24.15
CA VAL A 186 -29.70 27.54 -22.89
C VAL A 186 -28.67 26.81 -22.05
N LYS A 187 -28.32 27.41 -20.92
CA LYS A 187 -27.44 26.74 -19.97
C LYS A 187 -28.27 25.68 -19.25
N LYS A 188 -27.63 24.61 -18.84
CA LYS A 188 -28.32 23.50 -18.23
C LYS A 188 -27.87 23.39 -16.79
N THR A 189 -28.75 22.81 -15.99
CA THR A 189 -28.50 22.53 -14.59
C THR A 189 -27.47 21.42 -14.45
N MET A 190 -26.55 21.58 -13.50
CA MET A 190 -25.63 20.50 -13.09
C MET A 190 -25.44 20.44 -11.56
N GLY A 191 -25.46 19.22 -11.02
CA GLY A 191 -25.10 18.94 -9.64
C GLY A 191 -23.59 18.82 -9.54
N ARG A 192 -23.14 17.78 -8.83
CA ARG A 192 -21.73 17.41 -8.76
C ARG A 192 -21.30 16.75 -10.07
N LEU A 193 -20.17 17.22 -10.61
CA LEU A 193 -19.68 16.81 -11.93
C LEU A 193 -19.12 15.37 -11.98
N PRO A 194 -19.67 14.54 -12.89
CA PRO A 194 -19.11 13.20 -13.10
C PRO A 194 -17.91 13.32 -14.07
N VAL A 195 -16.77 13.72 -13.55
CA VAL A 195 -15.62 14.18 -14.35
C VAL A 195 -15.03 13.11 -15.31
N ARG A 196 -15.00 11.85 -14.86
CA ARG A 196 -14.44 10.77 -15.67
C ARG A 196 -15.32 10.42 -16.89
N TRP A 197 -16.57 10.88 -16.86
CA TRP A 197 -17.50 10.68 -17.97
C TRP A 197 -17.71 11.92 -18.86
N MET A 198 -16.91 12.97 -18.62
CA MET A 198 -17.22 14.27 -19.22
C MET A 198 -16.38 14.61 -20.42
N ALA A 199 -17.04 15.14 -21.44
CA ALA A 199 -16.40 15.71 -22.63
C ALA A 199 -15.53 16.90 -22.28
N ILE A 200 -14.38 16.98 -22.97
CA ILE A 200 -13.46 18.10 -22.88
C ILE A 200 -14.20 19.44 -22.76
N GLU A 201 -15.19 19.61 -23.62
CA GLU A 201 -15.93 20.87 -23.73
C GLU A 201 -16.88 21.12 -22.55
N SER A 202 -17.13 20.10 -21.75
CA SER A 202 -17.92 20.30 -20.53
C SER A 202 -17.02 20.70 -19.37
N LEU A 203 -15.85 20.06 -19.30
CA LEU A 203 -14.80 20.40 -18.32
C LEU A 203 -14.28 21.84 -18.48
N ASN A 204 -13.96 22.18 -19.72
CA ASN A 204 -13.69 23.56 -20.08
C ASN A 204 -15.07 24.06 -20.56
N TYR A 205 -15.36 25.35 -20.44
CA TYR A 205 -16.60 25.89 -21.06
C TYR A 205 -18.01 25.47 -20.56
N SER A 206 -18.12 24.39 -19.79
CA SER A 206 -19.44 23.94 -19.23
C SER A 206 -20.57 23.81 -20.29
N VAL A 207 -20.23 23.20 -21.42
CA VAL A 207 -21.17 22.98 -22.51
C VAL A 207 -21.79 21.56 -22.47
N TYR A 208 -23.09 21.48 -22.76
CA TYR A 208 -23.81 20.21 -22.72
C TYR A 208 -24.78 20.10 -23.87
N THR A 209 -24.54 19.10 -24.72
CA THR A 209 -25.32 18.83 -25.93
C THR A 209 -25.37 17.31 -26.15
N THR A 210 -26.01 16.87 -27.24
CA THR A 210 -26.06 15.44 -27.57
C THR A 210 -24.67 14.87 -27.82
N ASN A 211 -23.80 15.68 -28.40
CA ASN A 211 -22.41 15.28 -28.60
C ASN A 211 -21.65 15.03 -27.30
N SER A 212 -21.88 15.85 -26.27
CA SER A 212 -21.23 15.56 -24.97
C SER A 212 -21.80 14.27 -24.36
N ASP A 213 -23.10 14.03 -24.56
CA ASP A 213 -23.74 12.73 -24.23
C ASP A 213 -23.08 11.59 -24.97
N VAL A 214 -22.67 11.83 -26.21
CA VAL A 214 -21.99 10.81 -27.02
C VAL A 214 -20.59 10.45 -26.42
N TRP A 215 -19.83 11.47 -26.00
CA TRP A 215 -18.58 11.24 -25.28
C TRP A 215 -18.79 10.37 -24.03
N SER A 216 -19.78 10.73 -23.21
CA SER A 216 -20.08 9.95 -22.00
C SER A 216 -20.46 8.51 -22.34
N TYR A 217 -21.20 8.35 -23.45
CA TYR A 217 -21.53 7.01 -23.95
C TYR A 217 -20.26 6.21 -24.26
N GLY A 218 -19.28 6.86 -24.89
CA GLY A 218 -17.97 6.25 -25.14
C GLY A 218 -17.40 5.61 -23.90
N VAL A 219 -17.49 6.33 -22.77
CA VAL A 219 -16.99 5.85 -21.47
C VAL A 219 -17.86 4.71 -20.90
N LEU A 220 -19.18 4.82 -21.07
CA LEU A 220 -20.11 3.73 -20.73
C LEU A 220 -19.77 2.49 -21.55
N LEU A 221 -19.52 2.66 -22.85
CA LEU A 221 -19.14 1.53 -23.70
C LEU A 221 -17.89 0.86 -23.12
N TRP A 222 -16.94 1.68 -22.66
CA TRP A 222 -15.74 1.23 -21.97
C TRP A 222 -16.09 0.55 -20.62
N GLU A 223 -17.08 1.08 -19.90
CA GLU A 223 -17.56 0.44 -18.65
C GLU A 223 -18.13 -0.95 -18.94
N ILE A 224 -18.83 -1.09 -20.06
CA ILE A 224 -19.40 -2.38 -20.46
C ILE A 224 -18.30 -3.43 -20.69
N VAL A 225 -17.34 -3.07 -21.55
CA VAL A 225 -16.31 -4.03 -21.99
C VAL A 225 -15.39 -4.43 -20.85
N SER A 226 -15.07 -3.47 -19.98
CA SER A 226 -14.15 -3.70 -18.86
C SER A 226 -14.84 -4.33 -17.65
N LEU A 227 -16.14 -4.55 -17.76
CA LEU A 227 -16.96 -5.17 -16.70
C LEU A 227 -17.09 -4.32 -15.43
N GLY A 228 -17.18 -3.02 -15.60
CA GLY A 228 -17.48 -2.13 -14.49
C GLY A 228 -16.21 -1.51 -13.93
N GLY A 229 -15.17 -1.53 -14.76
CA GLY A 229 -13.91 -0.92 -14.39
C GLY A 229 -14.13 0.56 -14.13
N THR A 230 -13.34 1.12 -13.24
CA THR A 230 -13.37 2.55 -13.01
C THR A 230 -12.51 3.15 -14.10
N PRO A 231 -13.07 4.11 -14.85
CA PRO A 231 -12.35 4.80 -15.94
C PRO A 231 -11.13 5.58 -15.44
N TYR A 232 -10.03 5.49 -16.19
CA TYR A 232 -8.73 6.07 -15.82
C TYR A 232 -8.26 5.67 -14.41
N CYS A 233 -8.45 4.40 -14.02
CA CYS A 233 -7.92 3.89 -12.74
C CYS A 233 -6.45 4.25 -12.63
N GLY A 234 -6.08 4.87 -11.50
CA GLY A 234 -4.71 5.32 -11.28
C GLY A 234 -4.44 6.75 -11.72
N MET A 235 -5.46 7.40 -12.27
CA MET A 235 -5.35 8.76 -12.75
C MET A 235 -6.20 9.66 -11.89
N THR A 236 -5.64 10.79 -11.48
CA THR A 236 -6.35 11.83 -10.70
C THR A 236 -7.30 12.61 -11.59
N CYS A 237 -8.39 13.13 -11.02
CA CYS A 237 -9.34 13.95 -11.78
C CYS A 237 -8.67 15.17 -12.38
N ALA A 238 -7.71 15.74 -11.65
CA ALA A 238 -6.99 16.93 -12.10
C ALA A 238 -6.21 16.69 -13.39
N GLU A 239 -5.49 15.57 -13.48
CA GLU A 239 -4.72 15.28 -14.67
C GLU A 239 -5.54 14.96 -15.94
N LEU A 240 -6.84 14.74 -15.78
CA LEU A 240 -7.75 14.59 -16.92
C LEU A 240 -8.01 15.93 -17.64
N TYR A 241 -8.22 16.99 -16.86
CA TYR A 241 -8.39 18.35 -17.39
C TYR A 241 -7.16 18.74 -18.20
N GLU A 242 -6.00 18.30 -17.72
CA GLU A 242 -4.71 18.63 -18.31
C GLU A 242 -4.36 17.75 -19.52
N LYS A 243 -4.66 16.45 -19.46
CA LYS A 243 -4.21 15.52 -20.50
C LYS A 243 -5.17 15.34 -21.68
N LEU A 244 -6.48 15.40 -21.43
CA LEU A 244 -7.46 15.25 -22.51
C LEU A 244 -7.30 16.25 -23.67
N PRO A 245 -7.26 17.57 -23.39
CA PRO A 245 -6.93 18.54 -24.45
C PRO A 245 -5.71 18.15 -25.29
N GLN A 246 -4.66 17.64 -24.65
CA GLN A 246 -3.46 17.14 -25.33
C GLN A 246 -3.69 15.83 -26.10
N GLY A 247 -4.94 15.40 -26.23
CA GLY A 247 -5.25 14.19 -26.99
C GLY A 247 -5.10 12.85 -26.28
N TYR A 248 -4.82 12.88 -24.98
CA TYR A 248 -4.88 11.62 -24.22
C TYR A 248 -6.32 11.10 -24.18
N ARG A 249 -6.49 9.81 -24.43
CA ARG A 249 -7.77 9.13 -24.26
C ARG A 249 -7.49 7.85 -23.47
N LEU A 250 -8.56 7.27 -22.90
CA LEU A 250 -8.53 5.96 -22.29
C LEU A 250 -7.96 4.91 -23.23
N GLU A 251 -7.19 3.97 -22.69
CA GLU A 251 -6.54 2.94 -23.47
C GLU A 251 -7.46 1.74 -23.70
N LYS A 252 -7.20 1.02 -24.79
CA LYS A 252 -7.91 -0.19 -25.16
C LYS A 252 -7.75 -1.26 -24.08
N PRO A 253 -8.89 -1.74 -23.54
CA PRO A 253 -8.84 -2.82 -22.55
C PRO A 253 -8.26 -4.07 -23.19
N LEU A 254 -7.82 -5.02 -22.38
CA LEU A 254 -7.05 -6.14 -22.93
C LEU A 254 -7.94 -7.16 -23.65
N ASN A 255 -9.11 -7.40 -23.06
CA ASN A 255 -10.14 -8.28 -23.63
C ASN A 255 -10.90 -7.66 -24.79
N CYS A 256 -10.53 -6.45 -25.18
CA CYS A 256 -11.27 -5.69 -26.20
C CYS A 256 -10.70 -5.84 -27.60
N ASP A 257 -11.58 -6.03 -28.57
CA ASP A 257 -11.18 -6.08 -29.97
C ASP A 257 -10.99 -4.67 -30.49
N ASP A 258 -10.04 -4.49 -31.40
CA ASP A 258 -9.72 -3.18 -31.98
C ASP A 258 -10.92 -2.40 -32.52
N GLU A 259 -11.94 -3.11 -33.02
CA GLU A 259 -13.13 -2.47 -33.62
C GLU A 259 -14.09 -1.85 -32.62
N VAL A 260 -14.21 -2.45 -31.44
CA VAL A 260 -15.00 -1.81 -30.39
C VAL A 260 -14.23 -0.59 -29.86
N TYR A 261 -12.91 -0.69 -29.82
CA TYR A 261 -12.07 0.42 -29.39
C TYR A 261 -12.14 1.62 -30.33
N ASP A 262 -12.18 1.34 -31.64
CA ASP A 262 -12.38 2.37 -32.63
C ASP A 262 -13.67 3.16 -32.37
N LEU A 263 -14.76 2.46 -32.08
CA LEU A 263 -16.07 3.08 -31.79
C LEU A 263 -16.04 4.00 -30.55
N MET A 264 -15.41 3.54 -29.48
CA MET A 264 -15.13 4.38 -28.33
C MET A 264 -14.36 5.65 -28.76
N ARG A 265 -13.33 5.49 -29.60
CA ARG A 265 -12.48 6.60 -30.02
C ARG A 265 -13.24 7.61 -30.85
N GLN A 266 -14.24 7.14 -31.59
CA GLN A 266 -15.12 7.97 -32.39
C GLN A 266 -15.97 8.89 -31.49
N CYS A 267 -16.43 8.36 -30.36
CA CYS A 267 -17.16 9.15 -29.34
C CYS A 267 -16.32 10.22 -28.62
N TRP A 268 -15.00 10.16 -28.77
CA TRP A 268 -14.11 11.04 -28.02
C TRP A 268 -13.34 12.06 -28.86
N ARG A 269 -13.69 12.19 -30.14
CA ARG A 269 -13.08 13.19 -31.00
C ARG A 269 -13.19 14.58 -30.36
N GLU A 270 -12.09 15.33 -30.41
CA GLU A 270 -11.98 16.68 -29.89
C GLU A 270 -13.17 17.53 -30.33
N LYS A 271 -13.42 17.52 -31.64
CA LYS A 271 -14.54 18.23 -32.25
C LYS A 271 -15.89 17.54 -32.01
N PRO A 272 -16.77 18.17 -31.22
CA PRO A 272 -18.09 17.60 -30.90
C PRO A 272 -18.91 17.23 -32.12
N TYR A 273 -18.78 18.02 -33.18
CA TYR A 273 -19.55 17.83 -34.42
C TYR A 273 -18.89 16.80 -35.33
N GLU A 274 -17.80 16.18 -34.88
CA GLU A 274 -17.16 15.12 -35.65
C GLU A 274 -17.49 13.76 -35.08
N ARG A 275 -18.03 13.74 -33.86
CA ARG A 275 -18.48 12.53 -33.18
C ARG A 275 -19.69 11.92 -33.88
N PRO A 276 -19.81 10.58 -33.84
CA PRO A 276 -20.96 9.93 -34.44
C PRO A 276 -22.27 10.22 -33.71
N SER A 277 -23.37 10.11 -34.43
CA SER A 277 -24.68 10.15 -33.84
C SER A 277 -24.97 8.79 -33.20
N PHE A 278 -25.86 8.79 -32.22
CA PHE A 278 -26.41 7.55 -31.65
C PHE A 278 -27.02 6.61 -32.71
N ALA A 279 -27.63 7.15 -33.75
CA ALA A 279 -28.09 6.28 -34.85
C ALA A 279 -26.92 5.55 -35.54
N GLN A 280 -25.77 6.20 -35.65
CA GLN A 280 -24.59 5.64 -36.28
C GLN A 280 -23.89 4.67 -35.36
N ILE A 281 -23.95 4.96 -34.06
CA ILE A 281 -23.39 4.09 -33.05
C ILE A 281 -24.15 2.74 -32.98
N LEU A 282 -25.47 2.80 -33.08
CA LEU A 282 -26.28 1.59 -33.10
C LEU A 282 -25.97 0.73 -34.34
N VAL A 283 -25.83 1.36 -35.50
CA VAL A 283 -25.39 0.66 -36.72
C VAL A 283 -24.04 -0.05 -36.54
N SER A 284 -23.07 0.64 -35.94
CA SER A 284 -21.76 0.04 -35.78
C SER A 284 -21.86 -1.20 -34.88
N LEU A 285 -22.59 -1.08 -33.78
CA LEU A 285 -22.71 -2.16 -32.81
C LEU A 285 -23.46 -3.36 -33.39
N ASN A 286 -24.50 -3.06 -34.17
CA ASN A 286 -25.30 -4.07 -34.83
C ASN A 286 -24.46 -4.87 -35.82
N ARG A 287 -23.51 -4.20 -36.47
CA ARG A 287 -22.57 -4.84 -37.37
C ARG A 287 -21.74 -5.86 -36.60
N MET A 288 -21.28 -5.47 -35.41
CA MET A 288 -20.44 -6.33 -34.58
C MET A 288 -21.21 -7.55 -34.04
N LEU A 289 -22.45 -7.33 -33.61
CA LEU A 289 -23.32 -8.41 -33.14
C LEU A 289 -23.71 -9.40 -34.24
N GLU A 290 -23.73 -8.94 -35.50
CA GLU A 290 -24.12 -9.80 -36.62
C GLU A 290 -22.97 -10.67 -37.14
N GLU A 291 -21.74 -10.17 -36.96
CA GLU A 291 -20.53 -10.93 -37.28
C GLU A 291 -20.39 -12.19 -36.43
N ARG A 292 -19.73 -13.21 -36.99
CA ARG A 292 -19.41 -14.43 -36.25
C ARG A 292 -18.36 -14.13 -35.18
N LYS A 293 -17.47 -13.20 -35.53
CA LYS A 293 -16.38 -12.76 -34.66
C LYS A 293 -16.87 -12.39 -33.27
N THR A 294 -16.19 -12.96 -32.26
CA THR A 294 -16.34 -12.53 -30.88
C THR A 294 -15.54 -11.23 -30.71
N TYR A 295 -16.18 -10.21 -30.15
CA TYR A 295 -15.56 -8.91 -30.00
C TYR A 295 -15.04 -8.60 -28.60
N VAL A 296 -15.66 -9.19 -27.58
CA VAL A 296 -15.17 -9.02 -26.22
C VAL A 296 -14.76 -10.38 -25.63
N ASN A 297 -13.48 -10.50 -25.27
CA ASN A 297 -12.95 -11.71 -24.69
C ASN A 297 -13.41 -11.81 -23.23
N THR A 298 -13.97 -12.96 -22.88
CA THR A 298 -14.41 -13.20 -21.51
C THR A 298 -13.77 -14.45 -20.92
N THR A 299 -12.84 -15.03 -21.66
CA THR A 299 -12.19 -16.25 -21.22
C THR A 299 -10.91 -15.95 -20.47
N LEU A 300 -10.61 -16.76 -19.47
CA LEU A 300 -9.40 -16.58 -18.71
C LEU A 300 -8.22 -17.01 -19.56
N TYR A 301 -7.06 -16.44 -19.23
CA TYR A 301 -5.79 -16.82 -19.84
C TYR A 301 -4.73 -16.64 -18.77
N GLU A 302 -3.54 -17.20 -18.96
CA GLU A 302 -2.52 -17.19 -17.90
C GLU A 302 -2.49 -15.87 -17.13
N LYS A 303 -2.24 -14.77 -17.84
CA LYS A 303 -1.98 -13.48 -17.20
C LYS A 303 -3.22 -12.60 -16.93
N PHE A 304 -4.42 -13.18 -16.96
CA PHE A 304 -5.66 -12.42 -16.82
C PHE A 304 -5.68 -11.55 -15.59
N THR A 305 -6.16 -10.32 -15.77
CA THR A 305 -6.42 -9.38 -14.68
C THR A 305 -7.64 -8.52 -15.04
N TYR A 306 -8.50 -8.30 -14.04
CA TYR A 306 -9.66 -7.45 -14.23
C TYR A 306 -9.20 -6.00 -14.26
N ALA A 307 -9.88 -5.18 -15.05
CA ALA A 307 -9.75 -3.73 -14.95
C ALA A 307 -10.14 -3.33 -13.55
N GLY A 308 -9.32 -2.48 -12.95
CA GLY A 308 -9.45 -2.14 -11.54
C GLY A 308 -10.67 -1.34 -11.19
N ILE A 309 -11.18 -1.58 -9.99
CA ILE A 309 -12.42 -0.97 -9.52
C ILE A 309 -12.16 0.18 -8.55
N ASP A 310 -11.27 -0.02 -7.58
CA ASP A 310 -11.03 1.00 -6.56
C ASP A 310 -9.62 1.58 -6.64
N GLY B 29 7.57 -12.84 15.29
CA GLY B 29 6.77 -13.78 14.46
C GLY B 29 7.49 -15.10 14.20
N GLN B 30 6.71 -16.16 14.00
CA GLN B 30 7.25 -17.50 13.72
C GLN B 30 8.10 -17.52 12.45
N VAL B 31 9.39 -17.82 12.63
CA VAL B 31 10.40 -17.57 11.60
C VAL B 31 11.19 -18.81 11.19
N LEU B 32 11.60 -18.84 9.92
CA LEU B 32 12.26 -20.02 9.35
C LEU B 32 13.29 -19.67 8.29
N LYS B 33 14.38 -20.43 8.24
CA LYS B 33 15.40 -20.29 7.19
C LYS B 33 14.85 -20.60 5.79
N ALA B 34 15.61 -20.23 4.76
CA ALA B 34 15.24 -20.47 3.37
C ALA B 34 16.46 -20.39 2.47
N ARG B 35 16.32 -20.96 1.27
CA ARG B 35 17.38 -20.95 0.27
C ARG B 35 16.81 -20.62 -1.11
N ILE B 36 16.58 -19.32 -1.34
CA ILE B 36 16.05 -18.84 -2.62
C ILE B 36 16.86 -17.64 -3.14
N ARG B 42 23.51 -13.72 -2.56
CA ARG B 42 22.69 -13.60 -1.36
C ARG B 42 21.36 -14.37 -1.49
N MET B 43 21.46 -15.65 -1.86
CA MET B 43 20.31 -16.56 -1.94
C MET B 43 19.76 -16.90 -0.56
N ASP B 44 20.67 -17.03 0.41
CA ASP B 44 20.36 -17.37 1.80
C ASP B 44 19.38 -16.37 2.42
N ALA B 45 18.22 -16.86 2.86
CA ALA B 45 17.16 -15.98 3.39
C ALA B 45 16.48 -16.47 4.67
N ALA B 46 15.74 -15.57 5.33
CA ALA B 46 14.97 -15.88 6.52
C ALA B 46 13.53 -15.42 6.37
N ILE B 47 12.68 -16.33 5.89
CA ILE B 47 11.25 -16.09 5.71
C ILE B 47 10.53 -15.95 7.06
N LYS B 48 9.54 -15.07 7.10
CA LYS B 48 8.69 -14.87 8.27
C LYS B 48 7.24 -15.13 7.82
N ARG B 49 6.74 -16.32 8.14
CA ARG B 49 5.42 -16.74 7.66
C ARG B 49 4.26 -16.03 8.37
N MET B 50 3.39 -15.41 7.58
CA MET B 50 2.21 -14.74 8.11
C MET B 50 0.94 -15.14 7.34
N LYS B 51 0.33 -16.24 7.78
CA LYS B 51 -0.91 -16.76 7.19
C LYS B 51 -2.07 -15.78 7.44
N GLU B 52 -2.39 -15.58 8.72
CA GLU B 52 -3.42 -14.61 9.13
C GLU B 52 -2.81 -13.21 9.23
N LYS B 56 -7.46 -12.33 13.50
CA LYS B 56 -8.21 -11.11 13.75
C LYS B 56 -7.32 -9.88 13.56
N ASP B 57 -6.45 -9.63 14.53
CA ASP B 57 -5.47 -8.54 14.46
C ASP B 57 -4.31 -8.89 13.53
N ASP B 58 -4.13 -10.20 13.30
CA ASP B 58 -3.03 -10.75 12.50
C ASP B 58 -2.91 -10.17 11.08
N HIS B 59 -3.98 -9.53 10.59
CA HIS B 59 -3.95 -8.85 9.28
C HIS B 59 -4.14 -7.32 9.40
N ARG B 60 -4.33 -6.85 10.63
CA ARG B 60 -4.37 -5.42 10.95
C ARG B 60 -3.00 -4.89 11.38
N ASP B 61 -2.02 -5.79 11.47
CA ASP B 61 -0.62 -5.42 11.73
C ASP B 61 0.29 -5.84 10.57
N PHE B 62 -0.03 -6.98 9.94
CA PHE B 62 0.69 -7.45 8.75
C PHE B 62 0.42 -6.54 7.53
N ALA B 63 -0.57 -5.67 7.66
CA ALA B 63 -0.80 -4.61 6.68
C ALA B 63 0.36 -3.60 6.68
N GLY B 64 0.90 -3.34 7.87
CA GLY B 64 1.94 -2.32 8.05
C GLY B 64 3.39 -2.80 7.97
N GLU B 65 3.60 -4.10 8.17
CA GLU B 65 4.95 -4.68 8.16
C GLU B 65 5.70 -4.46 6.83
N LEU B 66 4.98 -4.59 5.71
CA LEU B 66 5.55 -4.36 4.37
C LEU B 66 5.88 -2.88 4.10
N GLU B 67 5.23 -1.99 4.83
CA GLU B 67 5.41 -0.55 4.69
C GLU B 67 6.73 -0.07 5.26
N VAL B 68 6.86 -0.14 6.58
CA VAL B 68 8.01 0.38 7.32
C VAL B 68 9.30 -0.19 6.76
N LEU B 69 9.24 -1.46 6.39
CA LEU B 69 10.39 -2.17 5.83
C LEU B 69 10.74 -1.70 4.44
N CYS B 70 9.71 -1.31 3.69
CA CYS B 70 9.91 -0.85 2.32
C CYS B 70 10.45 0.57 2.32
N LYS B 71 10.06 1.33 3.35
CA LYS B 71 10.45 2.73 3.51
C LYS B 71 11.88 2.90 4.01
N LEU B 72 12.55 1.78 4.24
CA LEU B 72 13.90 1.77 4.77
C LEU B 72 14.94 2.00 3.68
N GLY B 73 14.62 1.57 2.46
CA GLY B 73 15.59 1.56 1.36
C GLY B 73 16.61 0.46 1.57
N HIS B 74 17.82 0.65 1.05
CA HIS B 74 18.88 -0.35 1.21
C HIS B 74 20.21 0.24 1.64
N HIS B 75 20.75 -0.30 2.74
CA HIS B 75 22.06 0.09 3.26
C HIS B 75 22.77 -1.14 3.85
N PRO B 76 24.10 -1.25 3.67
CA PRO B 76 24.85 -2.41 4.20
C PRO B 76 24.80 -2.53 5.73
N ASN B 77 24.35 -1.48 6.41
CA ASN B 77 24.25 -1.51 7.88
C ASN B 77 22.82 -1.60 8.40
N ILE B 78 21.87 -1.84 7.48
CA ILE B 78 20.53 -2.22 7.87
C ILE B 78 20.14 -3.52 7.18
N ILE B 79 19.15 -4.21 7.73
CA ILE B 79 18.64 -5.43 7.11
C ILE B 79 18.24 -5.21 5.67
N ASN B 80 18.36 -6.26 4.86
CA ASN B 80 18.03 -6.20 3.46
C ASN B 80 16.68 -6.85 3.20
N LEU B 81 15.67 -6.02 2.93
CA LEU B 81 14.32 -6.51 2.56
C LEU B 81 14.31 -7.08 1.15
N LEU B 82 14.23 -8.40 1.10
CA LEU B 82 14.31 -9.14 -0.15
C LEU B 82 13.01 -9.15 -0.94
N GLY B 83 11.87 -9.18 -0.23
CA GLY B 83 10.57 -9.29 -0.87
C GLY B 83 9.47 -9.75 0.08
N ALA B 84 8.25 -9.89 -0.45
CA ALA B 84 7.06 -10.14 0.36
C ALA B 84 6.17 -11.26 -0.20
N CYS B 85 5.07 -11.55 0.51
CA CYS B 85 4.03 -12.51 0.07
C CYS B 85 2.93 -12.79 1.11
N GLU B 86 2.19 -13.89 0.90
CA GLU B 86 1.18 -14.42 1.85
C GLU B 86 0.70 -15.84 1.46
N HIS B 87 0.09 -16.54 2.42
CA HIS B 87 -0.42 -17.89 2.20
C HIS B 87 -1.94 -17.90 1.99
N TYR B 92 4.70 -14.95 4.03
CA TYR B 92 6.09 -15.15 3.61
C TYR B 92 6.88 -13.85 3.46
N LEU B 93 7.42 -13.37 4.58
CA LEU B 93 8.20 -12.12 4.62
C LEU B 93 9.71 -12.39 4.66
N ALA B 94 10.38 -12.19 3.54
CA ALA B 94 11.81 -12.53 3.45
C ALA B 94 12.75 -11.34 3.59
N ILE B 95 13.71 -11.48 4.50
CA ILE B 95 14.87 -10.57 4.54
C ILE B 95 16.13 -11.43 4.45
N GLU B 96 17.23 -10.82 4.01
CA GLU B 96 18.50 -11.53 3.83
C GLU B 96 19.06 -12.10 5.14
N TYR B 97 19.64 -13.30 5.06
CA TYR B 97 20.15 -13.98 6.24
C TYR B 97 21.53 -13.43 6.62
N ALA B 98 21.75 -13.29 7.93
CA ALA B 98 23.06 -12.95 8.47
C ALA B 98 23.56 -14.18 9.20
N PRO B 99 24.72 -14.73 8.78
CA PRO B 99 25.12 -16.09 9.16
C PRO B 99 25.67 -16.18 10.58
N HIS B 100 26.14 -15.06 11.11
CA HIS B 100 26.67 -15.04 12.46
C HIS B 100 25.61 -14.73 13.55
N GLY B 101 24.44 -14.25 13.15
CA GLY B 101 23.33 -14.01 14.08
C GLY B 101 23.34 -12.67 14.80
N ASN B 102 22.62 -12.59 15.93
CA ASN B 102 22.46 -11.32 16.65
C ASN B 102 23.72 -10.98 17.44
N LEU B 103 24.02 -9.68 17.52
CA LEU B 103 25.30 -9.23 18.04
C LEU B 103 25.49 -9.65 19.48
N LEU B 104 24.41 -9.64 20.27
CA LEU B 104 24.52 -9.93 21.71
C LEU B 104 25.16 -11.29 21.94
N ASP B 105 24.53 -12.32 21.39
CA ASP B 105 25.03 -13.69 21.48
C ASP B 105 26.41 -13.83 20.85
N PHE B 106 26.67 -13.07 19.79
CA PHE B 106 27.95 -13.13 19.13
C PHE B 106 29.02 -12.57 20.05
N LEU B 107 28.70 -11.46 20.71
CA LEU B 107 29.56 -10.94 21.78
C LEU B 107 29.76 -11.96 22.90
N ARG B 108 28.67 -12.53 23.40
CA ARG B 108 28.74 -13.46 24.53
C ARG B 108 29.51 -14.73 24.23
N LYS B 109 29.30 -15.29 23.04
CA LYS B 109 29.98 -16.52 22.62
C LYS B 109 31.48 -16.27 22.47
N SER B 110 31.86 -15.01 22.30
CA SER B 110 33.26 -14.66 22.14
C SER B 110 34.03 -14.67 23.45
N ARG B 111 33.33 -14.87 24.56
CA ARG B 111 33.92 -14.87 25.91
C ARG B 111 34.69 -16.15 26.15
N VAL B 112 35.94 -16.19 25.69
CA VAL B 112 36.63 -17.46 25.54
C VAL B 112 37.14 -18.04 26.87
N LEU B 113 37.44 -17.19 27.85
CA LEU B 113 37.80 -17.68 29.18
C LEU B 113 36.70 -18.54 29.77
N GLU B 114 35.46 -18.32 29.33
CA GLU B 114 34.35 -19.20 29.70
C GLU B 114 34.10 -20.27 28.63
N THR B 115 34.33 -19.95 27.36
CA THR B 115 34.12 -20.85 26.22
C THR B 115 35.18 -21.96 26.12
N ASP B 116 36.44 -21.57 26.30
CA ASP B 116 37.58 -22.46 26.05
C ASP B 116 38.77 -21.98 26.86
N PRO B 117 38.75 -22.23 28.19
CA PRO B 117 39.79 -21.81 29.14
C PRO B 117 41.23 -22.19 28.74
N ALA B 118 41.39 -23.31 28.05
CA ALA B 118 42.69 -23.73 27.53
C ALA B 118 43.22 -22.64 26.63
N PHE B 119 42.40 -22.29 25.65
CA PHE B 119 42.75 -21.31 24.63
C PHE B 119 43.02 -19.92 25.21
N ALA B 120 42.09 -19.47 26.07
CA ALA B 120 42.19 -18.14 26.67
C ALA B 120 43.49 -17.96 27.48
N ILE B 121 43.80 -18.93 28.34
CA ILE B 121 45.00 -18.90 29.16
C ILE B 121 46.29 -18.93 28.31
N ALA B 122 46.35 -19.87 27.36
CA ALA B 122 47.45 -20.00 26.43
C ALA B 122 47.66 -18.71 25.64
N ASN B 123 46.56 -18.11 25.20
CA ASN B 123 46.61 -16.90 24.36
C ASN B 123 46.50 -15.57 25.08
N SER B 124 46.55 -15.57 26.41
CA SER B 124 46.45 -14.34 27.21
C SER B 124 45.26 -13.49 26.79
N THR B 125 44.14 -14.14 26.52
CA THR B 125 43.00 -13.43 25.96
C THR B 125 41.65 -13.65 26.66
N ALA B 126 40.83 -12.60 26.69
CA ALA B 126 39.46 -12.68 27.25
C ALA B 126 38.42 -12.86 26.18
N SER B 127 38.76 -12.49 24.95
CA SER B 127 37.81 -12.56 23.84
C SER B 127 38.46 -12.98 22.53
N THR B 128 37.70 -13.72 21.72
CA THR B 128 38.13 -14.07 20.38
C THR B 128 38.08 -12.88 19.41
N LEU B 129 37.25 -11.88 19.74
CA LEU B 129 37.19 -10.65 18.95
C LEU B 129 38.28 -9.66 19.38
N SER B 130 38.74 -8.83 18.45
CA SER B 130 39.75 -7.83 18.78
C SER B 130 39.08 -6.46 18.98
N SER B 131 39.79 -5.57 19.65
CA SER B 131 39.40 -4.17 19.76
C SER B 131 38.88 -3.59 18.44
N GLN B 132 39.61 -3.83 17.36
CA GLN B 132 39.26 -3.30 16.05
C GLN B 132 37.90 -3.82 15.59
N GLN B 133 37.68 -5.11 15.75
CA GLN B 133 36.38 -5.68 15.37
C GLN B 133 35.25 -5.11 16.22
N LEU B 134 35.48 -5.03 17.52
CA LEU B 134 34.50 -4.41 18.43
C LEU B 134 34.08 -3.03 17.94
N LEU B 135 35.05 -2.15 17.68
CA LEU B 135 34.79 -0.79 17.21
C LEU B 135 34.21 -0.76 15.78
N HIS B 136 34.56 -1.77 14.97
CA HIS B 136 33.90 -1.91 13.68
C HIS B 136 32.40 -2.14 13.84
N PHE B 137 32.01 -3.04 14.75
CA PHE B 137 30.58 -3.21 15.06
C PHE B 137 29.92 -1.88 15.44
N ALA B 138 30.58 -1.12 16.31
CA ALA B 138 30.04 0.14 16.80
C ALA B 138 29.85 1.15 15.67
N ALA B 139 30.82 1.21 14.76
CA ALA B 139 30.78 2.18 13.66
C ALA B 139 29.74 1.82 12.61
N ASP B 140 29.63 0.53 12.26
CA ASP B 140 28.53 0.08 11.40
C ASP B 140 27.15 0.53 11.91
N VAL B 141 26.86 0.22 13.18
CA VAL B 141 25.58 0.59 13.79
C VAL B 141 25.36 2.11 13.75
N ALA B 142 26.44 2.87 13.92
CA ALA B 142 26.34 4.33 13.90
C ALA B 142 26.11 4.85 12.50
N ARG B 143 26.82 4.25 11.53
CA ARG B 143 26.59 4.57 10.11
C ARG B 143 25.13 4.27 9.76
N GLY B 144 24.71 3.02 9.99
CA GLY B 144 23.31 2.62 9.82
C GLY B 144 22.36 3.62 10.45
N MET B 145 22.66 4.09 11.67
CA MET B 145 21.76 5.03 12.37
C MET B 145 21.85 6.46 11.88
N ASP B 146 22.99 6.85 11.29
CA ASP B 146 23.03 8.12 10.60
C ASP B 146 22.11 8.03 9.38
N TYR B 147 22.25 6.95 8.61
CA TYR B 147 21.36 6.72 7.47
C TYR B 147 19.86 6.81 7.83
N LEU B 148 19.41 6.08 8.85
CA LEU B 148 17.99 6.06 9.21
C LEU B 148 17.49 7.36 9.86
N SER B 149 18.31 7.96 10.74
CA SER B 149 17.93 9.22 11.37
C SER B 149 17.69 10.30 10.29
N GLN B 150 18.48 10.24 9.23
CA GLN B 150 18.29 11.11 8.07
C GLN B 150 16.90 10.95 7.48
N LYS B 151 16.45 9.70 7.37
CA LYS B 151 15.12 9.37 6.84
C LYS B 151 14.01 9.67 7.84
N GLN B 152 14.35 10.41 8.90
CA GLN B 152 13.42 10.74 9.98
C GLN B 152 12.73 9.49 10.51
N PHE B 153 13.52 8.44 10.69
CA PHE B 153 13.08 7.17 11.28
C PHE B 153 13.57 7.10 12.72
N ILE B 154 12.72 6.70 13.65
CA ILE B 154 13.11 6.53 15.05
C ILE B 154 13.03 5.05 15.36
N HIS B 155 14.07 4.50 15.99
CA HIS B 155 14.13 3.05 16.21
C HIS B 155 13.34 2.59 17.42
N ARG B 156 13.55 3.24 18.55
CA ARG B 156 12.82 2.96 19.81
C ARG B 156 13.37 1.79 20.63
N ASP B 157 14.18 0.93 20.02
CA ASP B 157 14.64 -0.30 20.68
C ASP B 157 16.05 -0.74 20.29
N LEU B 158 17.02 0.19 20.26
CA LEU B 158 18.41 -0.15 19.97
C LEU B 158 19.08 -0.92 21.09
N ALA B 159 19.60 -2.09 20.74
CA ALA B 159 20.29 -2.92 21.72
C ALA B 159 21.03 -3.98 20.95
N ALA B 160 22.08 -4.52 21.55
CA ALA B 160 22.87 -5.51 20.86
C ALA B 160 21.96 -6.63 20.32
N ARG B 161 20.90 -6.96 21.07
CA ARG B 161 19.99 -8.04 20.68
C ARG B 161 19.35 -7.78 19.33
N ASN B 162 19.26 -6.51 18.94
CA ASN B 162 18.62 -6.13 17.69
C ASN B 162 19.61 -5.82 16.60
N ILE B 163 20.86 -6.18 16.80
CA ILE B 163 21.86 -5.99 15.75
C ILE B 163 22.23 -7.34 15.15
N LEU B 164 22.26 -7.39 13.83
CA LEU B 164 22.66 -8.61 13.15
C LEU B 164 24.09 -8.52 12.67
N VAL B 165 24.79 -9.64 12.72
CA VAL B 165 26.17 -9.71 12.24
C VAL B 165 26.27 -10.41 10.87
N GLY B 166 26.41 -9.63 9.81
CA GLY B 166 26.38 -10.20 8.47
C GLY B 166 27.68 -10.80 7.97
N GLU B 167 27.74 -11.01 6.65
CA GLU B 167 28.94 -11.48 5.95
C GLU B 167 30.06 -10.49 6.13
N ASN B 168 31.22 -11.00 6.56
CA ASN B 168 32.41 -10.19 6.85
C ASN B 168 32.27 -9.31 8.10
N TYR B 169 31.50 -9.80 9.07
CA TYR B 169 31.31 -9.13 10.37
C TYR B 169 30.77 -7.72 10.24
N VAL B 170 29.97 -7.47 9.21
CA VAL B 170 29.36 -6.17 9.00
C VAL B 170 28.06 -6.15 9.77
N ALA B 171 27.98 -5.27 10.78
CA ALA B 171 26.79 -5.15 11.61
C ALA B 171 25.66 -4.56 10.78
N LYS B 172 24.47 -5.15 10.92
CA LYS B 172 23.24 -4.62 10.32
C LYS B 172 22.18 -4.35 11.39
N ILE B 173 21.57 -3.17 11.33
CA ILE B 173 20.48 -2.84 12.24
C ILE B 173 19.17 -3.58 11.90
N ALA B 174 18.51 -4.05 12.95
CA ALA B 174 17.32 -4.89 12.83
C ALA B 174 16.30 -4.47 13.89
N ASP B 175 15.16 -5.17 13.93
CA ASP B 175 14.11 -5.03 14.95
C ASP B 175 13.32 -6.34 15.06
N PHE B 176 13.66 -7.16 16.05
CA PHE B 176 13.03 -8.46 16.23
C PHE B 176 11.81 -8.32 17.12
N GLY B 177 11.64 -9.26 18.05
CA GLY B 177 10.56 -9.18 19.01
C GLY B 177 10.69 -7.97 19.94
N LEU B 178 9.58 -7.28 20.15
CA LEU B 178 9.52 -6.22 21.16
C LEU B 178 10.03 -6.70 22.51
N GLY B 191 5.75 -7.54 25.36
CA GLY B 191 5.01 -6.59 26.19
C GLY B 191 5.70 -6.25 27.49
N ARG B 192 6.92 -5.72 27.38
CA ARG B 192 7.73 -5.26 28.53
C ARG B 192 8.81 -4.27 28.09
N LEU B 193 8.88 -3.13 28.76
CA LEU B 193 9.83 -2.07 28.41
C LEU B 193 11.30 -2.48 28.60
N PRO B 194 12.17 -2.16 27.60
CA PRO B 194 13.61 -2.34 27.71
C PRO B 194 14.20 -1.22 28.53
N VAL B 195 13.67 -1.09 29.74
CA VAL B 195 14.08 -0.06 30.69
C VAL B 195 15.57 0.32 30.60
N ARG B 196 16.46 -0.66 30.67
CA ARG B 196 17.92 -0.44 30.77
C ARG B 196 18.58 0.23 29.55
N TRP B 197 17.85 0.36 28.44
CA TRP B 197 18.33 1.01 27.22
C TRP B 197 17.63 2.34 26.92
N MET B 198 16.73 2.75 27.81
CA MET B 198 15.87 3.90 27.54
C MET B 198 16.42 5.18 28.13
N ALA B 199 16.26 6.25 27.34
CA ALA B 199 16.51 7.62 27.77
C ALA B 199 15.57 7.93 28.92
N ILE B 200 15.93 8.84 29.82
CA ILE B 200 15.01 9.16 30.93
C ILE B 200 13.70 9.72 30.39
N GLU B 201 13.79 10.58 29.38
CA GLU B 201 12.60 11.22 28.77
C GLU B 201 11.64 10.22 28.11
N SER B 202 12.13 9.04 27.76
CA SER B 202 11.25 7.99 27.28
C SER B 202 10.63 7.27 28.49
N LEU B 203 11.45 7.05 29.51
CA LEU B 203 10.99 6.44 30.73
C LEU B 203 9.92 7.31 31.36
N ASN B 204 10.17 8.61 31.45
CA ASN B 204 9.32 9.55 32.17
C ASN B 204 8.13 10.14 31.41
N TYR B 205 8.34 10.51 30.13
CA TYR B 205 7.29 11.14 29.31
C TYR B 205 6.98 10.39 28.00
N SER B 206 7.61 9.24 27.78
CA SER B 206 7.50 8.51 26.50
C SER B 206 7.91 9.34 25.27
N VAL B 207 8.95 10.16 25.44
CA VAL B 207 9.50 10.88 24.29
C VAL B 207 10.53 10.02 23.57
N TYR B 208 10.28 9.80 22.30
CA TYR B 208 11.21 9.07 21.47
C TYR B 208 11.59 9.96 20.31
N THR B 209 12.89 10.28 20.27
CA THR B 209 13.50 11.00 19.16
C THR B 209 14.80 10.29 18.84
N THR B 210 15.52 10.79 17.84
CA THR B 210 16.88 10.38 17.51
C THR B 210 17.82 10.57 18.72
N ASN B 211 17.57 11.61 19.50
CA ASN B 211 18.30 11.79 20.75
C ASN B 211 18.06 10.69 21.80
N SER B 212 16.92 9.99 21.73
CA SER B 212 16.67 8.80 22.59
C SER B 212 17.39 7.58 22.03
N ASP B 213 17.41 7.47 20.71
CA ASP B 213 18.13 6.42 20.01
C ASP B 213 19.61 6.51 20.36
N VAL B 214 20.18 7.70 20.28
CA VAL B 214 21.58 7.96 20.66
C VAL B 214 21.86 7.47 22.08
N TRP B 215 20.96 7.72 23.03
CA TRP B 215 21.12 7.22 24.42
C TRP B 215 21.17 5.70 24.42
N SER B 216 20.21 5.09 23.73
CA SER B 216 20.19 3.63 23.58
C SER B 216 21.47 3.15 22.92
N TYR B 217 21.96 3.92 21.94
CA TYR B 217 23.19 3.53 21.27
C TYR B 217 24.37 3.52 22.23
N GLY B 218 24.43 4.53 23.11
CA GLY B 218 25.44 4.58 24.17
C GLY B 218 25.46 3.27 24.94
N VAL B 219 24.26 2.78 25.31
CA VAL B 219 24.13 1.51 26.03
C VAL B 219 24.55 0.31 25.14
N LEU B 220 24.15 0.33 23.86
CA LEU B 220 24.64 -0.66 22.87
C LEU B 220 26.17 -0.68 22.81
N LEU B 221 26.79 0.50 22.74
CA LEU B 221 28.26 0.62 22.76
C LEU B 221 28.85 -0.01 24.04
N TRP B 222 28.14 0.11 25.14
CA TRP B 222 28.60 -0.44 26.40
C TRP B 222 28.45 -1.96 26.36
N GLU B 223 27.41 -2.46 25.67
CA GLU B 223 27.26 -3.92 25.47
C GLU B 223 28.43 -4.50 24.72
N ILE B 224 28.89 -3.77 23.70
CA ILE B 224 29.98 -4.20 22.84
C ILE B 224 31.29 -4.26 23.64
N VAL B 225 31.62 -3.16 24.31
CA VAL B 225 32.82 -3.11 25.14
C VAL B 225 32.80 -4.15 26.26
N SER B 226 31.64 -4.40 26.83
CA SER B 226 31.51 -5.29 27.97
C SER B 226 31.33 -6.75 27.60
N LEU B 227 31.46 -7.08 26.32
CA LEU B 227 31.27 -8.45 25.79
C LEU B 227 29.89 -9.05 26.08
N GLY B 228 28.86 -8.22 25.91
CA GLY B 228 27.49 -8.66 26.07
C GLY B 228 27.05 -8.67 27.51
N GLY B 229 27.65 -7.82 28.34
CA GLY B 229 27.25 -7.70 29.75
C GLY B 229 25.87 -7.10 29.86
N THR B 230 25.14 -7.43 30.92
CA THR B 230 23.81 -6.83 31.08
C THR B 230 23.97 -5.46 31.71
N PRO B 231 23.46 -4.41 31.04
CA PRO B 231 23.60 -3.06 31.59
C PRO B 231 22.98 -3.00 32.98
N TYR B 232 23.71 -2.42 33.93
CA TYR B 232 23.24 -2.25 35.29
C TYR B 232 23.07 -3.59 36.02
N CYS B 233 24.08 -4.46 35.89
CA CYS B 233 24.05 -5.74 36.59
C CYS B 233 24.02 -5.54 38.11
N GLY B 234 23.17 -6.31 38.78
CA GLY B 234 23.00 -6.19 40.23
C GLY B 234 22.23 -4.92 40.58
N MET B 235 21.20 -4.63 39.79
CA MET B 235 20.38 -3.45 39.98
C MET B 235 18.99 -3.76 39.44
N THR B 236 17.99 -3.42 40.24
CA THR B 236 16.59 -3.54 39.82
C THR B 236 16.28 -2.42 38.83
N CYS B 237 15.24 -2.62 38.01
CA CYS B 237 14.80 -1.59 37.09
C CYS B 237 14.24 -0.34 37.80
N ALA B 238 13.59 -0.54 38.96
CA ALA B 238 13.10 0.56 39.80
C ALA B 238 14.22 1.50 40.26
N GLU B 239 15.33 0.91 40.71
CA GLU B 239 16.51 1.67 41.14
C GLU B 239 17.07 2.56 40.04
N LEU B 240 16.80 2.20 38.79
CA LEU B 240 17.18 3.02 37.64
C LEU B 240 16.32 4.27 37.53
N TYR B 241 15.01 4.12 37.69
CA TYR B 241 14.09 5.26 37.74
C TYR B 241 14.56 6.18 38.85
N GLU B 242 15.10 5.57 39.90
CA GLU B 242 15.56 6.27 41.08
C GLU B 242 16.86 7.04 40.80
N LYS B 243 17.84 6.35 40.23
CA LYS B 243 19.18 6.89 40.18
C LYS B 243 19.50 7.67 38.90
N LEU B 244 18.87 7.30 37.78
CA LEU B 244 19.16 8.00 36.50
C LEU B 244 18.97 9.53 36.57
N PRO B 245 17.78 10.01 37.00
CA PRO B 245 17.63 11.47 37.14
C PRO B 245 18.56 12.08 38.19
N GLN B 246 19.14 11.25 39.05
CA GLN B 246 20.13 11.70 40.04
C GLN B 246 21.55 11.85 39.48
N GLY B 247 21.72 11.58 38.19
CA GLY B 247 23.02 11.71 37.52
C GLY B 247 23.88 10.47 37.58
N TYR B 248 23.27 9.32 37.86
CA TYR B 248 23.97 8.04 37.81
C TYR B 248 24.01 7.47 36.39
N ARG B 249 25.16 6.90 36.03
CA ARG B 249 25.36 6.28 34.72
C ARG B 249 26.15 4.99 34.91
N LEU B 250 26.19 4.14 33.89
CA LEU B 250 27.06 2.96 33.93
C LEU B 250 28.50 3.40 34.12
N GLU B 251 29.22 2.71 35.02
CA GLU B 251 30.63 3.04 35.31
C GLU B 251 31.56 2.69 34.15
N LYS B 252 32.72 3.35 34.12
CA LYS B 252 33.77 3.07 33.13
C LYS B 252 34.25 1.62 33.25
N PRO B 253 34.10 0.85 32.17
CA PRO B 253 34.60 -0.53 32.16
C PRO B 253 36.12 -0.51 32.24
N LEU B 254 36.66 -1.45 33.01
CA LEU B 254 38.10 -1.50 33.28
C LEU B 254 38.91 -1.63 32.00
N ASN B 255 38.33 -2.33 31.02
CA ASN B 255 39.00 -2.69 29.78
C ASN B 255 38.75 -1.69 28.67
N CYS B 256 38.37 -0.48 29.03
CA CYS B 256 37.91 0.50 28.05
C CYS B 256 38.73 1.78 28.11
N ASP B 257 39.15 2.27 26.95
CA ASP B 257 39.86 3.57 26.88
C ASP B 257 38.92 4.73 27.29
N ASP B 258 39.52 5.77 27.88
CA ASP B 258 38.77 6.92 28.40
C ASP B 258 37.82 7.54 27.37
N GLU B 259 38.31 7.66 26.12
CA GLU B 259 37.59 8.36 25.06
C GLU B 259 36.34 7.59 24.65
N VAL B 260 36.42 6.27 24.68
CA VAL B 260 35.27 5.42 24.36
C VAL B 260 34.20 5.61 25.44
N TYR B 261 34.60 5.52 26.72
CA TYR B 261 33.73 5.87 27.82
C TYR B 261 33.14 7.27 27.66
N ASP B 262 34.00 8.24 27.34
CA ASP B 262 33.55 9.62 27.13
C ASP B 262 32.49 9.69 26.03
N LEU B 263 32.63 8.86 25.01
CA LEU B 263 31.61 8.73 23.96
C LEU B 263 30.30 8.12 24.49
N MET B 264 30.42 7.09 25.33
CA MET B 264 29.26 6.56 26.02
C MET B 264 28.55 7.64 26.83
N ARG B 265 29.32 8.46 27.55
CA ARG B 265 28.76 9.46 28.45
C ARG B 265 28.09 10.62 27.71
N GLN B 266 28.60 10.93 26.52
CA GLN B 266 28.03 11.98 25.67
C GLN B 266 26.60 11.58 25.30
N CYS B 267 26.46 10.32 24.92
CA CYS B 267 25.19 9.69 24.57
C CYS B 267 24.16 9.76 25.70
N TRP B 268 24.64 9.82 26.95
CA TRP B 268 23.77 9.68 28.12
C TRP B 268 23.48 10.96 28.92
N ARG B 269 23.81 12.10 28.33
CA ARG B 269 23.59 13.41 28.94
C ARG B 269 22.09 13.62 29.13
N GLU B 270 21.71 14.28 30.23
CA GLU B 270 20.30 14.45 30.59
C GLU B 270 19.56 15.32 29.59
N LYS B 271 20.22 16.39 29.13
CA LYS B 271 19.70 17.28 28.12
C LYS B 271 19.86 16.64 26.74
N PRO B 272 18.75 16.14 26.14
CA PRO B 272 18.84 15.38 24.89
C PRO B 272 19.51 16.14 23.73
N TYR B 273 19.42 17.46 23.75
CA TYR B 273 20.01 18.32 22.73
C TYR B 273 21.49 18.59 22.97
N GLU B 274 22.03 18.02 24.05
CA GLU B 274 23.46 18.08 24.34
C GLU B 274 24.16 16.82 23.86
N ARG B 275 23.35 15.82 23.47
CA ARG B 275 23.84 14.55 22.96
C ARG B 275 24.37 14.68 21.52
N PRO B 276 25.37 13.88 21.15
CA PRO B 276 25.90 13.94 19.78
C PRO B 276 24.97 13.28 18.77
N SER B 277 25.08 13.68 17.52
CA SER B 277 24.34 13.04 16.44
C SER B 277 25.10 11.81 16.01
N PHE B 278 24.42 10.85 15.41
CA PHE B 278 25.06 9.64 14.91
C PHE B 278 26.25 9.91 13.98
N ALA B 279 26.15 10.96 13.17
CA ALA B 279 27.26 11.39 12.29
C ALA B 279 28.52 11.78 13.05
N GLN B 280 28.38 12.37 14.25
CA GLN B 280 29.53 12.72 15.09
C GLN B 280 30.15 11.49 15.75
N ILE B 281 29.31 10.54 16.13
CA ILE B 281 29.77 9.31 16.76
C ILE B 281 30.60 8.53 15.75
N LEU B 282 30.09 8.45 14.52
CA LEU B 282 30.76 7.73 13.45
C LEU B 282 32.17 8.26 13.21
N VAL B 283 32.28 9.57 13.02
CA VAL B 283 33.58 10.24 12.85
C VAL B 283 34.48 9.90 14.02
N SER B 284 33.95 10.03 15.23
CA SER B 284 34.72 9.80 16.45
C SER B 284 35.26 8.37 16.55
N LEU B 285 34.44 7.39 16.17
CA LEU B 285 34.84 5.97 16.15
C LEU B 285 35.79 5.60 15.00
N ASN B 286 35.63 6.27 13.86
CA ASN B 286 36.51 6.08 12.68
C ASN B 286 37.95 6.57 12.88
N ARG B 287 38.11 7.68 13.60
CA ARG B 287 39.43 8.16 14.02
C ARG B 287 40.08 7.12 14.94
N MET B 288 39.28 6.56 15.83
CA MET B 288 39.75 5.57 16.78
C MET B 288 40.16 4.30 16.06
N LEU B 289 39.44 3.99 14.99
CA LEU B 289 39.79 2.84 14.16
C LEU B 289 41.08 3.07 13.37
N GLU B 290 41.22 4.28 12.81
CA GLU B 290 42.39 4.61 11.99
C GLU B 290 43.66 4.88 12.81
N GLU B 291 43.51 5.05 14.12
CA GLU B 291 44.66 5.20 14.99
C GLU B 291 45.40 3.87 15.01
N ARG B 292 46.54 3.83 15.69
CA ARG B 292 47.24 2.57 15.86
C ARG B 292 46.91 2.05 17.24
N LYS B 293 46.64 3.00 18.14
CA LYS B 293 46.17 2.74 19.50
C LYS B 293 45.04 1.73 19.53
N THR B 294 45.04 0.90 20.58
CA THR B 294 43.98 -0.05 20.83
C THR B 294 43.08 0.52 21.91
N TYR B 295 41.80 0.65 21.58
CA TYR B 295 40.86 1.39 22.42
C TYR B 295 40.11 0.52 23.40
N VAL B 296 40.10 -0.78 23.16
CA VAL B 296 39.47 -1.73 24.07
C VAL B 296 40.44 -2.86 24.39
N ASN B 297 40.78 -3.00 25.67
CA ASN B 297 41.67 -4.06 26.14
C ASN B 297 40.90 -5.39 26.20
N THR B 298 41.55 -6.48 25.82
CA THR B 298 40.88 -7.78 25.77
C THR B 298 41.80 -8.88 26.28
N THR B 299 42.97 -8.47 26.75
CA THR B 299 43.97 -9.40 27.28
C THR B 299 43.58 -9.92 28.66
N LEU B 300 44.18 -11.04 29.05
CA LEU B 300 43.85 -11.73 30.29
C LEU B 300 44.89 -11.43 31.36
N TYR B 301 44.42 -11.28 32.60
CA TYR B 301 45.31 -11.07 33.76
C TYR B 301 44.67 -11.76 34.96
N GLU B 302 45.39 -11.81 36.08
CA GLU B 302 44.97 -12.62 37.22
C GLU B 302 43.60 -12.19 37.77
N LYS B 303 43.44 -10.87 37.89
CA LYS B 303 42.21 -10.27 38.41
C LYS B 303 41.08 -10.07 37.39
N PHE B 304 41.27 -10.55 36.16
CA PHE B 304 40.21 -10.42 35.16
C PHE B 304 38.95 -11.18 35.52
N THR B 305 37.86 -10.44 35.52
CA THR B 305 36.54 -10.99 35.63
C THR B 305 35.72 -10.32 34.55
N TYR B 306 34.67 -11.00 34.07
CA TYR B 306 33.79 -10.43 33.06
C TYR B 306 32.73 -9.56 33.69
N ALA B 307 32.14 -8.67 32.88
CA ALA B 307 30.90 -8.02 33.21
C ALA B 307 29.79 -9.08 33.18
N GLY B 308 28.95 -9.09 34.23
CA GLY B 308 27.95 -10.15 34.45
C GLY B 308 26.77 -10.20 33.51
N ILE B 309 26.13 -11.35 33.45
CA ILE B 309 25.02 -11.58 32.50
C ILE B 309 23.61 -11.66 33.14
N ASP B 310 23.51 -11.98 34.43
CA ASP B 310 22.21 -11.97 35.13
C ASP B 310 22.16 -11.03 36.37
#